data_6KBU
#
_entry.id   6KBU
#
_cell.length_a   46.740
_cell.length_b   67.327
_cell.length_c   74.875
_cell.angle_alpha   90.000
_cell.angle_beta   98.840
_cell.angle_gamma   90.000
#
_symmetry.space_group_name_H-M   'P 1 21 1'
#
loop_
_entity.id
_entity.type
_entity.pdbx_description
1 polymer 'SOS response-associated protein'
2 non-polymer GLYCEROL
3 water water
#
_entity_poly.entity_id   1
_entity_poly.type   'polypeptide(L)'
_entity_poly.pdbx_seq_one_letter_code
;MGSSHLHHHHSSGLVPRGSENLYFQCGRFAQSQTREDYLALLAEDIERDIPYDPEPIGRYNVAPGTKVLLLSERDEHLHL
DPVFWGYAPGWWDKPPLINARVETAATSRMFKPLWQHGRAICFADGWFEWKKEGDKKQPFFIYRADGQPIFMAAIGSTPF
ERGDEAEGFLIVTAAADQGLVDIHDRRPLVLSPEAAREWMRQEISGKEASEIAASGCVPANQFSWHPVSRAVGNVKNQGA
ELIQPV
;
_entity_poly.pdbx_strand_id   B,A
#
loop_
_chem_comp.id
_chem_comp.type
_chem_comp.name
_chem_comp.formula
GOL non-polymer GLYCEROL 'C3 H8 O3'
#
# COMPACT_ATOMS: atom_id res chain seq x y z
N CYS A 26 2.69 -15.95 5.53
CA CYS A 26 2.64 -16.45 6.91
C CYS A 26 2.88 -17.96 6.97
N GLY A 27 2.84 -18.52 8.18
CA GLY A 27 3.05 -19.94 8.33
C GLY A 27 3.36 -20.43 9.74
N ARG A 28 3.58 -19.51 10.69
CA ARG A 28 3.99 -19.87 12.04
C ARG A 28 3.95 -18.64 12.93
N PHE A 29 3.42 -18.78 14.14
CA PHE A 29 3.53 -17.70 15.11
C PHE A 29 3.54 -18.29 16.51
N ALA A 30 3.64 -17.40 17.51
CA ALA A 30 3.67 -17.77 18.92
C ALA A 30 2.48 -17.14 19.63
N GLN A 31 1.84 -17.92 20.53
CA GLN A 31 0.70 -17.45 21.33
C GLN A 31 0.84 -18.13 22.70
N SER A 32 1.68 -17.53 23.55
CA SER A 32 2.20 -18.21 24.73
C SER A 32 1.71 -17.69 26.08
N GLN A 33 1.19 -16.45 26.14
CA GLN A 33 0.83 -15.85 27.41
C GLN A 33 -0.62 -16.24 27.77
N THR A 34 -1.14 -15.65 28.85
CA THR A 34 -2.48 -15.99 29.29
C THR A 34 -3.51 -15.23 28.46
N ARG A 35 -4.74 -15.73 28.49
CA ARG A 35 -5.85 -15.02 27.83
C ARG A 35 -5.95 -13.57 28.29
N GLU A 36 -5.82 -13.32 29.60
CA GLU A 36 -5.94 -11.95 30.10
C GLU A 36 -4.87 -11.04 29.54
N ASP A 37 -3.68 -11.57 29.25
CA ASP A 37 -2.63 -10.77 28.63
C ASP A 37 -3.07 -10.23 27.27
N TYR A 38 -3.72 -11.07 26.46
CA TYR A 38 -4.08 -10.68 25.10
C TYR A 38 -5.31 -9.78 25.06
N LEU A 39 -6.16 -9.87 26.08
CA LEU A 39 -7.45 -9.23 26.04
C LEU A 39 -7.43 -7.82 26.64
N ALA A 40 -6.39 -7.48 27.41
CA ALA A 40 -6.38 -6.23 28.16
C ALA A 40 -6.56 -5.01 27.26
N LEU A 41 -5.98 -5.03 26.06
CA LEU A 41 -6.10 -3.88 25.17
C LEU A 41 -7.37 -3.90 24.33
N LEU A 42 -8.08 -5.02 24.26
CA LEU A 42 -9.17 -5.18 23.30
C LEU A 42 -10.56 -4.96 23.88
N ALA A 43 -10.80 -5.31 25.15
CA ALA A 43 -12.17 -5.33 25.65
C ALA A 43 -12.18 -5.25 27.16
N GLU A 44 -13.10 -4.43 27.68
CA GLU A 44 -13.44 -4.40 29.09
C GLU A 44 -14.01 -5.74 29.53
N ASP A 45 -13.96 -5.99 30.84
CA ASP A 45 -14.46 -7.25 31.41
C ASP A 45 -15.89 -7.52 30.96
N ILE A 46 -16.76 -6.51 31.09
CA ILE A 46 -18.18 -6.69 30.88
C ILE A 46 -18.52 -7.04 29.43
N GLU A 47 -17.63 -6.75 28.47
CA GLU A 47 -17.86 -7.09 27.07
C GLU A 47 -17.44 -8.51 26.71
N ARG A 48 -16.65 -9.18 27.54
CA ARG A 48 -16.19 -10.51 27.18
C ARG A 48 -17.09 -11.60 27.74
N ASP A 49 -17.26 -12.66 26.95
CA ASP A 49 -17.73 -13.95 27.44
C ASP A 49 -16.64 -14.97 27.17
N ILE A 50 -15.58 -14.89 27.96
CA ILE A 50 -14.42 -15.74 27.82
C ILE A 50 -14.07 -16.18 29.23
N PRO A 51 -14.53 -17.36 29.66
CA PRO A 51 -14.33 -17.75 31.07
C PRO A 51 -12.87 -17.64 31.47
N TYR A 52 -12.66 -17.24 32.73
CA TYR A 52 -11.30 -16.99 33.22
C TYR A 52 -10.50 -18.29 33.33
N ASP A 53 -9.29 -18.29 32.75
CA ASP A 53 -8.33 -19.38 32.83
C ASP A 53 -6.93 -18.83 33.12
N PRO A 54 -6.37 -19.11 34.31
CA PRO A 54 -5.05 -18.53 34.65
C PRO A 54 -3.86 -19.13 33.90
N GLU A 55 -4.03 -20.25 33.21
CA GLU A 55 -2.89 -20.95 32.60
C GLU A 55 -2.47 -20.26 31.31
N PRO A 56 -1.19 -19.92 31.16
CA PRO A 56 -0.69 -19.44 29.86
C PRO A 56 -1.05 -20.43 28.75
N ILE A 57 -1.29 -19.89 27.56
CA ILE A 57 -1.61 -20.75 26.42
C ILE A 57 -0.40 -21.61 26.05
N GLY A 58 0.80 -21.06 26.18
CA GLY A 58 2.03 -21.86 26.18
C GLY A 58 2.46 -22.41 24.84
N ARG A 59 1.89 -21.92 23.75
CA ARG A 59 2.20 -22.40 22.40
C ARG A 59 3.22 -21.44 21.80
N TYR A 60 4.47 -21.88 21.72
CA TYR A 60 5.50 -21.02 21.13
C TYR A 60 5.63 -21.24 19.62
N ASN A 61 4.98 -22.26 19.08
CA ASN A 61 5.23 -22.68 17.71
C ASN A 61 3.90 -23.17 17.12
N VAL A 62 3.02 -22.22 16.82
CA VAL A 62 1.66 -22.52 16.35
C VAL A 62 1.68 -22.76 14.84
N ALA A 63 1.20 -23.93 14.41
CA ALA A 63 1.28 -24.32 13.01
C ALA A 63 -0.09 -24.43 12.37
N PRO A 64 -0.17 -24.18 11.06
CA PRO A 64 -1.40 -24.49 10.31
C PRO A 64 -1.89 -25.91 10.54
N GLY A 65 -3.20 -26.11 10.40
CA GLY A 65 -3.79 -27.42 10.58
C GLY A 65 -4.02 -27.84 12.01
N THR A 66 -3.76 -26.96 12.97
CA THR A 66 -4.12 -27.16 14.36
C THR A 66 -5.31 -26.28 14.71
N LYS A 67 -5.99 -26.63 15.80
CA LYS A 67 -6.95 -25.71 16.38
C LYS A 67 -6.22 -24.59 17.11
N VAL A 68 -6.66 -23.36 16.89
CA VAL A 68 -6.07 -22.16 17.48
C VAL A 68 -7.18 -21.34 18.11
N LEU A 69 -6.95 -20.87 19.33
CA LEU A 69 -7.90 -19.99 19.99
C LEU A 69 -8.04 -18.71 19.16
N LEU A 70 -9.27 -18.41 18.76
CA LEU A 70 -9.52 -17.31 17.83
C LEU A 70 -10.61 -16.42 18.40
N LEU A 71 -10.40 -15.11 18.32
CA LEU A 71 -11.29 -14.15 18.96
C LEU A 71 -12.28 -13.59 17.94
N SER A 72 -13.55 -13.46 18.35
CA SER A 72 -14.58 -12.90 17.47
C SER A 72 -15.74 -12.38 18.32
N GLU A 73 -16.61 -11.61 17.67
CA GLU A 73 -17.80 -11.02 18.28
C GLU A 73 -19.05 -11.77 17.84
N ARG A 74 -19.93 -12.07 18.80
CA ARG A 74 -21.26 -12.60 18.54
C ARG A 74 -22.12 -12.31 19.76
N ASP A 75 -23.40 -12.01 19.51
CA ASP A 75 -24.34 -11.65 20.58
C ASP A 75 -23.73 -10.58 21.48
N GLU A 76 -23.16 -9.55 20.85
CA GLU A 76 -22.69 -8.32 21.48
C GLU A 76 -21.48 -8.54 22.38
N HIS A 77 -20.90 -9.73 22.42
CA HIS A 77 -19.77 -9.98 23.30
C HIS A 77 -18.64 -10.60 22.51
N LEU A 78 -17.46 -10.58 23.12
CA LEU A 78 -16.28 -11.22 22.54
C LEU A 78 -16.19 -12.65 23.04
N HIS A 79 -15.97 -13.58 22.12
CA HIS A 79 -15.81 -14.99 22.43
C HIS A 79 -14.46 -15.50 21.92
N LEU A 80 -13.95 -16.53 22.59
CA LEU A 80 -12.69 -17.17 22.22
C LEU A 80 -12.97 -18.66 22.04
N ASP A 81 -12.87 -19.12 20.79
CA ASP A 81 -13.18 -20.48 20.36
C ASP A 81 -11.95 -21.13 19.76
N PRO A 82 -11.78 -22.43 19.94
CA PRO A 82 -10.68 -23.14 19.27
C PRO A 82 -11.08 -23.45 17.84
N VAL A 83 -10.36 -22.85 16.89
CA VAL A 83 -10.76 -22.87 15.49
C VAL A 83 -9.63 -23.40 14.64
N PHE A 84 -9.97 -24.27 13.69
CA PHE A 84 -9.01 -24.91 12.80
C PHE A 84 -8.33 -23.86 11.93
N TRP A 85 -6.99 -23.80 11.97
CA TRP A 85 -6.29 -22.84 11.12
C TRP A 85 -6.10 -23.48 9.75
N GLY A 86 -6.96 -23.09 8.82
CA GLY A 86 -7.00 -23.67 7.49
C GLY A 86 -8.42 -23.59 6.94
N TYR A 87 -8.51 -23.53 5.62
CA TYR A 87 -9.81 -23.37 4.96
C TYR A 87 -9.72 -24.05 3.61
N ALA A 88 -10.52 -25.10 3.42
CA ALA A 88 -10.50 -25.84 2.17
C ALA A 88 -11.87 -25.77 1.50
N PRO A 89 -11.94 -25.37 0.22
CA PRO A 89 -13.13 -25.36 -0.65
C PRO A 89 -14.00 -26.61 -0.55
N ASP A 93 -8.30 -31.46 -2.28
CA ASP A 93 -7.43 -32.60 -2.03
C ASP A 93 -6.07 -32.12 -1.52
N LYS A 94 -5.69 -30.91 -1.92
CA LYS A 94 -4.42 -30.28 -1.53
C LYS A 94 -4.52 -29.73 -0.11
N PRO A 95 -3.40 -29.31 0.51
CA PRO A 95 -3.49 -28.81 1.89
C PRO A 95 -4.34 -27.57 1.98
N PRO A 96 -5.02 -27.32 3.10
CA PRO A 96 -5.93 -26.18 3.18
C PRO A 96 -5.21 -24.85 3.03
N LEU A 97 -5.95 -23.86 2.56
CA LEU A 97 -5.47 -22.49 2.51
C LEU A 97 -5.31 -21.94 3.91
N ILE A 98 -4.21 -21.23 4.15
CA ILE A 98 -3.96 -20.68 5.48
C ILE A 98 -3.88 -19.16 5.49
N ASN A 99 -3.74 -18.50 4.34
CA ASN A 99 -3.71 -17.06 4.27
C ASN A 99 -4.69 -16.54 3.22
N ALA A 100 -5.15 -15.32 3.45
CA ALA A 100 -5.93 -14.58 2.47
C ALA A 100 -5.26 -13.23 2.25
N ARG A 101 -4.85 -12.96 1.01
CA ARG A 101 -4.19 -11.71 0.67
C ARG A 101 -5.17 -10.54 0.78
N VAL A 102 -4.73 -9.46 1.45
CA VAL A 102 -5.59 -8.29 1.63
C VAL A 102 -5.87 -7.61 0.30
N GLU A 103 -5.00 -7.79 -0.70
CA GLU A 103 -5.20 -7.13 -2.00
C GLU A 103 -6.41 -7.71 -2.74
N THR A 104 -6.76 -8.97 -2.48
CA THR A 104 -7.81 -9.63 -3.26
C THR A 104 -8.95 -10.23 -2.46
N ALA A 105 -8.85 -10.31 -1.12
CA ALA A 105 -9.82 -11.09 -0.35
C ALA A 105 -11.20 -10.44 -0.39
N ALA A 106 -11.26 -9.11 -0.25
CA ALA A 106 -12.55 -8.44 -0.19
C ALA A 106 -13.34 -8.58 -1.49
N THR A 107 -12.66 -8.81 -2.62
CA THR A 107 -13.30 -8.97 -3.92
C THR A 107 -13.21 -10.39 -4.46
N SER A 108 -12.63 -11.31 -3.69
CA SER A 108 -12.44 -12.69 -4.10
C SER A 108 -13.78 -13.42 -4.15
N ARG A 109 -14.06 -14.10 -5.27
CA ARG A 109 -15.27 -14.90 -5.33
C ARG A 109 -15.30 -15.92 -4.19
N MET A 110 -14.14 -16.43 -3.76
CA MET A 110 -14.15 -17.42 -2.68
C MET A 110 -14.22 -16.77 -1.31
N PHE A 111 -13.51 -15.66 -1.10
CA PHE A 111 -13.30 -15.14 0.25
C PHE A 111 -14.18 -13.96 0.60
N LYS A 112 -14.75 -13.27 -0.39
CA LYS A 112 -15.48 -12.04 -0.05
C LYS A 112 -16.67 -12.29 0.89
N PRO A 113 -17.40 -13.41 0.84
CA PRO A 113 -18.42 -13.62 1.89
C PRO A 113 -17.82 -13.70 3.29
N LEU A 114 -16.62 -14.27 3.44
CA LEU A 114 -15.98 -14.35 4.75
C LEU A 114 -15.48 -12.98 5.20
N TRP A 115 -15.01 -12.16 4.26
CA TRP A 115 -14.66 -10.78 4.54
C TRP A 115 -15.85 -10.01 5.11
N GLN A 116 -17.06 -10.32 4.64
CA GLN A 116 -18.27 -9.68 5.10
C GLN A 116 -18.84 -10.29 6.38
N HIS A 117 -18.68 -11.60 6.60
CA HIS A 117 -19.41 -12.28 7.66
C HIS A 117 -18.56 -13.15 8.58
N GLY A 118 -17.26 -13.25 8.33
CA GLY A 118 -16.45 -14.14 9.13
C GLY A 118 -15.17 -13.51 9.68
N ARG A 119 -15.21 -12.21 9.96
CA ARG A 119 -14.00 -11.56 10.46
C ARG A 119 -13.73 -11.94 11.91
N ALA A 120 -12.45 -12.14 12.22
CA ALA A 120 -12.01 -12.57 13.54
C ALA A 120 -10.60 -12.02 13.78
N ILE A 121 -10.17 -12.10 15.04
CA ILE A 121 -8.82 -11.69 15.42
C ILE A 121 -8.08 -12.89 15.99
N CYS A 122 -6.83 -13.05 15.59
CA CYS A 122 -5.96 -14.08 16.15
C CYS A 122 -4.80 -13.38 16.84
N PHE A 123 -4.80 -13.36 18.18
CA PHE A 123 -3.74 -12.66 18.88
C PHE A 123 -2.49 -13.52 18.98
N ALA A 124 -1.35 -12.85 19.11
CA ALA A 124 -0.06 -13.53 19.17
C ALA A 124 0.96 -12.62 19.86
N ASP A 125 2.07 -13.23 20.27
CA ASP A 125 3.19 -12.44 20.73
C ASP A 125 3.97 -11.86 19.55
N GLY A 126 3.94 -12.55 18.43
CA GLY A 126 4.77 -12.26 17.29
C GLY A 126 4.66 -13.43 16.33
N TRP A 127 5.30 -13.29 15.17
CA TRP A 127 5.27 -14.34 14.17
C TRP A 127 6.67 -14.62 13.66
N PHE A 128 6.81 -15.76 12.98
CA PHE A 128 8.06 -16.21 12.40
C PHE A 128 7.99 -16.12 10.88
N GLU A 129 9.07 -15.63 10.25
CA GLU A 129 9.31 -15.81 8.82
C GLU A 129 10.77 -16.20 8.58
N TRP A 130 10.97 -16.96 7.51
CA TRP A 130 12.30 -17.42 7.13
C TRP A 130 12.78 -16.58 5.96
N LYS A 131 14.03 -16.13 6.04
CA LYS A 131 14.65 -15.33 4.98
C LYS A 131 15.55 -16.23 4.15
N LYS A 132 15.33 -16.23 2.84
CA LYS A 132 16.13 -17.08 1.93
C LYS A 132 17.55 -16.54 1.79
N LYS A 137 18.42 -20.45 4.84
CA LYS A 137 17.10 -20.13 5.39
C LYS A 137 17.12 -19.92 6.91
N GLN A 138 17.03 -18.65 7.32
CA GLN A 138 17.22 -18.23 8.70
C GLN A 138 15.92 -17.68 9.26
N PRO A 139 15.35 -18.32 10.29
CA PRO A 139 14.09 -17.83 10.84
C PRO A 139 14.28 -16.54 11.63
N PHE A 140 13.27 -15.66 11.53
CA PHE A 140 13.20 -14.44 12.33
C PHE A 140 11.89 -14.44 13.11
N PHE A 141 11.92 -13.80 14.27
CA PHE A 141 10.74 -13.58 15.10
C PHE A 141 10.49 -12.07 15.12
N ILE A 142 9.29 -11.67 14.74
CA ILE A 142 8.92 -10.26 14.57
C ILE A 142 7.82 -9.94 15.56
N TYR A 143 7.97 -8.82 16.28
CA TYR A 143 7.06 -8.50 17.39
C TYR A 143 7.00 -6.98 17.57
N ARG A 144 6.00 -6.51 18.32
CA ARG A 144 5.85 -5.08 18.58
C ARG A 144 6.94 -4.54 19.50
N ALA A 145 7.54 -3.42 19.11
CA ALA A 145 8.63 -2.84 19.89
C ALA A 145 8.20 -2.42 21.29
N ASP A 146 6.93 -2.07 21.48
CA ASP A 146 6.44 -1.75 22.83
C ASP A 146 6.05 -3.00 23.61
N GLY A 147 6.24 -4.19 23.06
CA GLY A 147 5.97 -5.44 23.72
C GLY A 147 4.51 -5.83 23.81
N GLN A 148 3.60 -4.99 23.32
CA GLN A 148 2.20 -5.37 23.33
C GLN A 148 1.94 -6.46 22.29
N PRO A 149 0.87 -7.23 22.46
CA PRO A 149 0.59 -8.33 21.51
C PRO A 149 0.21 -7.82 20.13
N ILE A 150 0.39 -8.69 19.13
CA ILE A 150 -0.04 -8.39 17.77
C ILE A 150 -1.44 -8.97 17.57
N PHE A 151 -2.31 -8.20 16.95
CA PHE A 151 -3.69 -8.60 16.70
C PHE A 151 -3.86 -8.82 15.20
N MET A 152 -3.73 -10.07 14.77
CA MET A 152 -3.75 -10.44 13.36
C MET A 152 -5.18 -10.54 12.86
N ALA A 153 -5.44 -9.88 11.73
CA ALA A 153 -6.73 -9.99 11.07
C ALA A 153 -6.90 -11.36 10.46
N ALA A 154 -8.06 -11.97 10.74
CA ALA A 154 -8.41 -13.27 10.24
C ALA A 154 -9.79 -13.19 9.59
N ILE A 155 -10.06 -14.11 8.67
CA ILE A 155 -11.42 -14.35 8.21
C ILE A 155 -11.66 -15.85 8.24
N GLY A 156 -12.93 -16.22 8.36
CA GLY A 156 -13.25 -17.63 8.55
C GLY A 156 -14.74 -17.88 8.47
N SER A 157 -15.10 -19.15 8.61
CA SER A 157 -16.49 -19.60 8.49
C SER A 157 -17.20 -19.50 9.84
N THR A 158 -18.03 -18.47 10.01
CA THR A 158 -18.94 -18.45 11.12
C THR A 158 -20.05 -19.51 10.92
N PRO A 159 -20.62 -20.06 12.00
CA PRO A 159 -20.23 -19.85 13.41
C PRO A 159 -18.93 -20.57 13.73
N PHE A 160 -18.00 -19.87 14.39
CA PHE A 160 -16.72 -20.47 14.72
C PHE A 160 -16.83 -21.51 15.83
N GLU A 161 -17.89 -21.47 16.64
CA GLU A 161 -17.97 -22.35 17.81
C GLU A 161 -18.31 -23.79 17.46
N ARG A 162 -18.53 -24.12 16.18
CA ARG A 162 -18.92 -25.49 15.82
C ARG A 162 -17.75 -26.46 15.68
N GLY A 163 -16.52 -26.01 15.79
CA GLY A 163 -15.39 -26.94 15.69
C GLY A 163 -15.23 -27.56 14.33
N ASP A 164 -15.37 -26.79 13.26
CA ASP A 164 -15.30 -27.37 11.93
C ASP A 164 -13.89 -27.87 11.66
N GLU A 165 -13.80 -28.98 10.93
CA GLU A 165 -12.53 -29.59 10.63
C GLU A 165 -11.96 -29.20 9.28
N ALA A 166 -12.71 -28.52 8.44
CA ALA A 166 -12.27 -28.16 7.10
C ALA A 166 -12.44 -26.69 6.80
N GLU A 167 -13.53 -26.07 7.24
CA GLU A 167 -13.78 -24.66 7.02
C GLU A 167 -13.49 -23.91 8.32
N GLY A 168 -12.21 -23.54 8.50
CA GLY A 168 -11.77 -22.87 9.71
C GLY A 168 -11.54 -21.39 9.45
N PHE A 169 -10.35 -20.88 9.77
CA PHE A 169 -10.03 -19.49 9.51
C PHE A 169 -8.73 -19.41 8.72
N LEU A 170 -8.48 -18.20 8.18
CA LEU A 170 -7.23 -17.85 7.52
C LEU A 170 -6.71 -16.54 8.11
N ILE A 171 -5.39 -16.37 8.06
CA ILE A 171 -4.75 -15.11 8.46
C ILE A 171 -4.67 -14.22 7.24
N VAL A 172 -5.23 -13.01 7.32
CA VAL A 172 -5.09 -12.04 6.23
C VAL A 172 -3.64 -11.58 6.17
N THR A 173 -3.07 -11.51 4.96
CA THR A 173 -1.69 -11.08 4.80
C THR A 173 -1.62 -9.78 3.99
N ALA A 174 -0.45 -9.15 4.05
CA ALA A 174 -0.16 -7.90 3.36
C ALA A 174 1.28 -7.94 2.82
N ALA A 175 1.60 -7.01 1.93
CA ALA A 175 2.97 -6.93 1.47
C ALA A 175 3.88 -6.47 2.61
N ALA A 176 5.06 -7.06 2.69
CA ALA A 176 6.06 -6.60 3.64
C ALA A 176 6.37 -5.13 3.39
N ASP A 177 6.55 -4.38 4.48
CA ASP A 177 6.86 -2.96 4.37
C ASP A 177 8.15 -2.65 5.11
N GLN A 178 8.78 -1.57 4.68
CA GLN A 178 9.99 -0.99 5.30
C GLN A 178 11.05 -2.08 5.48
N GLY A 179 11.67 -2.21 6.66
CA GLY A 179 12.72 -3.19 6.84
C GLY A 179 12.27 -4.63 6.64
N LEU A 180 10.97 -4.90 6.76
CA LEU A 180 10.44 -6.25 6.65
C LEU A 180 10.66 -6.83 5.26
N VAL A 181 11.06 -6.00 4.30
CA VAL A 181 11.19 -6.43 2.92
C VAL A 181 12.47 -7.23 2.69
N ASP A 182 13.50 -7.06 3.54
CA ASP A 182 14.73 -7.84 3.43
C ASP A 182 14.62 -9.21 4.07
N ILE A 183 13.54 -9.49 4.81
CA ILE A 183 13.30 -10.83 5.33
C ILE A 183 12.43 -11.64 4.37
N HIS A 184 11.26 -11.12 3.99
CA HIS A 184 10.27 -11.88 3.24
C HIS A 184 9.31 -10.88 2.63
N ASP A 185 8.66 -11.27 1.52
CA ASP A 185 7.83 -10.33 0.78
C ASP A 185 6.40 -10.22 1.31
N ARG A 186 5.98 -11.09 2.23
CA ARG A 186 4.65 -11.01 2.80
C ARG A 186 4.76 -10.87 4.32
N ARG A 187 3.65 -10.45 4.92
CA ARG A 187 3.53 -10.30 6.37
C ARG A 187 2.06 -10.46 6.74
N PRO A 188 1.76 -10.81 7.99
CA PRO A 188 0.37 -10.77 8.43
C PRO A 188 -0.11 -9.33 8.54
N LEU A 189 -1.37 -9.12 8.17
CA LEU A 189 -2.02 -7.87 8.49
C LEU A 189 -2.20 -7.79 10.01
N VAL A 190 -1.45 -6.92 10.67
CA VAL A 190 -1.57 -6.71 12.10
C VAL A 190 -2.36 -5.43 12.32
N LEU A 191 -3.34 -5.47 13.21
CA LEU A 191 -4.20 -4.33 13.47
C LEU A 191 -3.92 -3.72 14.84
N SER A 192 -4.10 -2.40 14.94
CA SER A 192 -4.01 -1.72 16.23
C SER A 192 -5.14 -2.21 17.13
N PRO A 193 -5.00 -2.06 18.46
CA PRO A 193 -6.11 -2.45 19.34
C PRO A 193 -7.45 -1.87 18.90
N GLU A 194 -7.47 -0.55 18.65
CA GLU A 194 -8.64 0.15 18.12
C GLU A 194 -9.18 -0.54 16.87
N ALA A 195 -8.34 -0.68 15.84
CA ALA A 195 -8.78 -1.26 14.58
C ALA A 195 -9.22 -2.71 14.76
N ALA A 196 -8.53 -3.47 15.61
CA ALA A 196 -8.89 -4.86 15.81
C ALA A 196 -10.28 -4.97 16.43
N ARG A 197 -10.58 -4.12 17.42
CA ARG A 197 -11.92 -4.11 17.99
C ARG A 197 -12.97 -3.77 16.95
N GLU A 198 -12.72 -2.75 16.11
CA GLU A 198 -13.70 -2.39 15.10
C GLU A 198 -13.83 -3.46 14.00
N TRP A 199 -12.72 -4.11 13.66
CA TRP A 199 -12.74 -5.21 12.68
C TRP A 199 -13.74 -6.29 13.07
N MET A 200 -13.88 -6.56 14.37
CA MET A 200 -14.63 -7.71 14.85
C MET A 200 -16.13 -7.46 14.92
N ARG A 201 -16.56 -6.19 14.87
CA ARG A 201 -17.97 -5.84 15.03
C ARG A 201 -18.82 -6.40 13.90
N GLN A 202 -19.90 -7.08 14.28
CA GLN A 202 -20.78 -7.71 13.30
C GLN A 202 -21.36 -6.69 12.34
N GLU A 203 -21.77 -5.53 12.85
CA GLU A 203 -22.58 -4.62 12.06
C GLU A 203 -21.77 -3.79 11.04
N ILE A 204 -20.45 -3.99 10.91
CA ILE A 204 -19.71 -3.23 9.90
C ILE A 204 -19.57 -4.06 8.63
N SER A 205 -19.82 -3.41 7.49
CA SER A 205 -19.83 -4.06 6.20
C SER A 205 -18.41 -4.45 5.76
N GLY A 206 -18.34 -5.25 4.68
CA GLY A 206 -17.05 -5.56 4.08
C GLY A 206 -16.33 -4.34 3.55
N LYS A 207 -17.10 -3.36 3.05
CA LYS A 207 -16.49 -2.11 2.59
C LYS A 207 -15.85 -1.36 3.76
N GLU A 208 -16.55 -1.28 4.90
CA GLU A 208 -15.97 -0.59 6.05
C GLU A 208 -14.76 -1.35 6.57
N ALA A 209 -14.81 -2.69 6.54
CA ALA A 209 -13.68 -3.48 6.98
C ALA A 209 -12.47 -3.28 6.09
N SER A 210 -12.69 -3.06 4.80
CA SER A 210 -11.59 -2.71 3.90
C SER A 210 -10.94 -1.39 4.30
N GLU A 211 -11.75 -0.39 4.66
CA GLU A 211 -11.21 0.88 5.14
C GLU A 211 -10.46 0.68 6.46
N ILE A 212 -10.98 -0.18 7.35
CA ILE A 212 -10.32 -0.44 8.63
C ILE A 212 -8.99 -1.15 8.42
N ALA A 213 -8.93 -2.11 7.48
CA ALA A 213 -7.71 -2.87 7.27
C ALA A 213 -6.58 -1.99 6.77
N ALA A 214 -6.89 -0.94 5.99
CA ALA A 214 -5.85 -0.06 5.48
C ALA A 214 -5.38 0.90 6.56
N SER A 215 -6.29 1.70 7.11
CA SER A 215 -5.92 2.69 8.10
C SER A 215 -5.43 2.08 9.41
N GLY A 216 -5.90 0.89 9.77
CA GLY A 216 -5.53 0.34 11.05
C GLY A 216 -4.34 -0.61 11.05
N CYS A 217 -3.72 -0.80 9.90
CA CYS A 217 -2.59 -1.71 9.79
C CYS A 217 -1.39 -1.15 10.57
N VAL A 218 -0.76 -1.99 11.40
CA VAL A 218 0.44 -1.60 12.13
C VAL A 218 1.62 -1.58 11.16
N PRO A 219 2.22 -0.43 10.90
CA PRO A 219 3.34 -0.39 9.95
C PRO A 219 4.61 -0.95 10.57
N ALA A 220 5.54 -1.34 9.68
CA ALA A 220 6.68 -2.14 10.10
C ALA A 220 7.60 -1.41 11.08
N ASN A 221 7.61 -0.08 11.09
CA ASN A 221 8.47 0.64 12.01
C ASN A 221 8.04 0.45 13.46
N GLN A 222 6.85 -0.09 13.71
CA GLN A 222 6.39 -0.40 15.06
C GLN A 222 6.86 -1.75 15.53
N PHE A 223 7.58 -2.49 14.68
CA PHE A 223 8.03 -3.84 15.00
C PHE A 223 9.54 -3.87 15.21
N SER A 224 9.96 -4.83 16.02
CA SER A 224 11.35 -5.24 16.11
C SER A 224 11.44 -6.71 15.74
N TRP A 225 12.62 -7.15 15.35
CA TRP A 225 12.78 -8.54 14.99
C TRP A 225 14.22 -8.96 15.22
N HIS A 226 14.42 -10.27 15.35
CA HIS A 226 15.74 -10.82 15.54
C HIS A 226 15.74 -12.26 15.05
N PRO A 227 16.88 -12.79 14.64
CA PRO A 227 16.93 -14.20 14.26
C PRO A 227 16.77 -15.09 15.49
N VAL A 228 16.11 -16.23 15.28
CA VAL A 228 15.94 -17.22 16.34
C VAL A 228 16.60 -18.51 15.88
N SER A 229 16.55 -19.53 16.75
CA SER A 229 17.11 -20.83 16.40
C SER A 229 16.34 -21.45 15.24
N ARG A 230 17.05 -22.21 14.40
CA ARG A 230 16.39 -22.91 13.31
C ARG A 230 15.45 -24.02 13.79
N ALA A 231 15.42 -24.32 15.10
CA ALA A 231 14.61 -25.42 15.61
C ALA A 231 13.12 -25.18 15.48
N VAL A 232 12.69 -23.91 15.43
CA VAL A 232 11.28 -23.61 15.23
C VAL A 232 10.72 -24.25 13.96
N GLY A 233 11.57 -24.57 12.98
CA GLY A 233 11.09 -25.18 11.75
C GLY A 233 10.41 -26.52 11.98
N ASN A 234 10.83 -27.24 13.00
CA ASN A 234 10.15 -28.48 13.39
C ASN A 234 8.98 -28.13 14.31
N VAL A 235 7.75 -28.41 13.85
CA VAL A 235 6.56 -28.14 14.66
C VAL A 235 6.54 -28.94 15.95
N LYS A 236 7.38 -29.98 16.04
CA LYS A 236 7.42 -30.77 17.27
C LYS A 236 8.05 -29.99 18.41
N ASN A 237 8.94 -29.04 18.10
CA ASN A 237 9.56 -28.23 19.14
C ASN A 237 8.58 -27.13 19.57
N GLN A 238 8.46 -26.95 20.89
CA GLN A 238 7.48 -26.01 21.41
C GLN A 238 7.99 -25.22 22.62
N GLY A 239 9.30 -25.23 22.87
CA GLY A 239 9.82 -24.58 24.06
C GLY A 239 9.87 -23.06 23.95
N ALA A 240 9.96 -22.41 25.11
CA ALA A 240 10.04 -20.96 25.19
C ALA A 240 11.28 -20.42 24.51
N GLU A 241 12.33 -21.22 24.42
CA GLU A 241 13.58 -20.78 23.78
C GLU A 241 13.40 -20.45 22.29
N LEU A 242 12.30 -20.89 21.64
CA LEU A 242 12.18 -20.71 20.19
C LEU A 242 12.05 -19.24 19.79
N ILE A 243 11.62 -18.35 20.69
CA ILE A 243 11.50 -16.93 20.36
C ILE A 243 12.70 -16.13 20.84
N GLN A 244 13.66 -16.76 21.50
CA GLN A 244 14.78 -16.01 22.03
C GLN A 244 15.78 -15.68 20.93
N PRO A 245 16.48 -14.55 21.04
CA PRO A 245 17.44 -14.17 19.99
C PRO A 245 18.67 -15.07 20.00
N VAL A 246 19.18 -15.35 18.80
CA VAL A 246 20.44 -16.08 18.66
C VAL A 246 21.50 -15.17 18.00
N CYS B 26 2.17 22.02 -18.83
CA CYS B 26 1.15 21.61 -17.87
C CYS B 26 0.97 22.62 -16.72
N GLY B 27 0.05 22.30 -15.78
CA GLY B 27 -0.28 23.16 -14.65
C GLY B 27 -1.43 22.65 -13.79
N ARG B 28 -1.99 21.49 -14.18
CA ARG B 28 -3.11 20.85 -13.49
C ARG B 28 -3.29 19.47 -14.11
N PHE B 29 -3.67 18.50 -13.30
CA PHE B 29 -3.94 17.17 -13.84
C PHE B 29 -4.92 16.45 -12.92
N ALA B 30 -5.30 15.24 -13.32
CA ALA B 30 -6.25 14.42 -12.58
C ALA B 30 -5.57 13.14 -12.14
N GLN B 31 -5.80 12.75 -10.88
CA GLN B 31 -5.25 11.54 -10.25
C GLN B 31 -6.40 10.93 -9.46
N SER B 32 -7.35 10.31 -10.18
CA SER B 32 -8.63 9.92 -9.58
C SER B 32 -8.75 8.45 -9.22
N GLN B 33 -7.96 7.56 -9.82
CA GLN B 33 -8.15 6.13 -9.65
C GLN B 33 -7.45 5.62 -8.38
N THR B 34 -7.52 4.31 -8.15
CA THR B 34 -6.83 3.76 -7.00
C THR B 34 -5.34 3.58 -7.32
N ARG B 35 -4.54 3.41 -6.27
CA ARG B 35 -3.11 3.15 -6.45
C ARG B 35 -2.86 1.96 -7.36
N GLU B 36 -3.62 0.87 -7.17
CA GLU B 36 -3.44 -0.33 -7.95
C GLU B 36 -3.66 -0.10 -9.45
N ASP B 37 -4.56 0.83 -9.80
CA ASP B 37 -4.82 1.14 -11.20
C ASP B 37 -3.58 1.73 -11.87
N TYR B 38 -2.79 2.52 -11.13
CA TYR B 38 -1.64 3.19 -11.72
C TYR B 38 -0.40 2.32 -11.77
N LEU B 39 -0.31 1.33 -10.89
CA LEU B 39 0.89 0.55 -10.67
C LEU B 39 0.92 -0.76 -11.45
N ALA B 40 -0.24 -1.22 -11.95
CA ALA B 40 -0.31 -2.49 -12.66
C ALA B 40 0.65 -2.54 -13.83
N LEU B 41 0.67 -1.47 -14.65
CA LEU B 41 1.54 -1.46 -15.81
C LEU B 41 3.01 -1.31 -15.45
N LEU B 42 3.31 -0.99 -14.21
CA LEU B 42 4.61 -0.45 -13.83
C LEU B 42 5.50 -1.45 -13.09
N ALA B 43 4.96 -2.25 -12.18
CA ALA B 43 5.78 -3.13 -11.34
C ALA B 43 4.90 -4.23 -10.78
N GLU B 44 5.48 -5.39 -10.57
CA GLU B 44 4.70 -6.39 -9.89
C GLU B 44 4.77 -6.23 -8.37
N ASP B 45 4.00 -7.05 -7.70
CA ASP B 45 3.91 -7.07 -6.24
C ASP B 45 5.24 -6.86 -5.55
N ILE B 46 6.18 -7.78 -5.76
CA ILE B 46 7.36 -7.80 -4.90
C ILE B 46 8.28 -6.60 -5.11
N GLU B 47 8.13 -5.86 -6.22
CA GLU B 47 8.97 -4.69 -6.43
C GLU B 47 8.44 -3.44 -5.74
N ARG B 48 7.25 -3.47 -5.14
CA ARG B 48 6.66 -2.30 -4.52
C ARG B 48 6.77 -2.40 -3.01
N ASP B 49 6.97 -1.25 -2.37
CA ASP B 49 6.68 -1.07 -0.95
C ASP B 49 5.66 0.07 -0.87
N ILE B 50 4.42 -0.27 -1.18
CA ILE B 50 3.31 0.70 -1.22
C ILE B 50 2.13 -0.01 -0.60
N PRO B 51 1.84 0.22 0.69
CA PRO B 51 0.73 -0.48 1.35
C PRO B 51 -0.58 -0.41 0.57
N TYR B 52 -1.32 -1.51 0.58
CA TYR B 52 -2.58 -1.61 -0.14
C TYR B 52 -3.64 -0.70 0.49
N ASP B 53 -4.19 0.20 -0.31
CA ASP B 53 -5.35 1.01 0.06
C ASP B 53 -6.34 0.86 -1.09
N PRO B 54 -7.56 0.35 -0.83
CA PRO B 54 -8.53 0.17 -1.94
C PRO B 54 -9.27 1.44 -2.36
N GLU B 55 -9.08 2.56 -1.66
CA GLU B 55 -9.91 3.75 -1.88
C GLU B 55 -9.33 4.59 -3.02
N PRO B 56 -10.14 4.96 -4.00
CA PRO B 56 -9.63 5.80 -5.08
C PRO B 56 -9.04 7.09 -4.53
N ILE B 57 -7.96 7.56 -5.17
CA ILE B 57 -7.36 8.83 -4.75
C ILE B 57 -8.36 9.96 -4.97
N GLY B 58 -9.14 9.89 -6.04
CA GLY B 58 -10.30 10.76 -6.22
C GLY B 58 -10.02 12.24 -6.39
N ARG B 59 -8.80 12.62 -6.76
CA ARG B 59 -8.49 14.02 -7.07
C ARG B 59 -8.64 14.22 -8.57
N TYR B 60 -9.67 14.97 -8.96
CA TYR B 60 -9.88 15.29 -10.36
C TYR B 60 -9.24 16.61 -10.76
N ASN B 61 -8.69 17.35 -9.79
CA ASN B 61 -8.22 18.71 -10.01
C ASN B 61 -7.00 18.95 -9.13
N VAL B 62 -5.87 18.34 -9.51
CA VAL B 62 -4.64 18.40 -8.71
C VAL B 62 -3.87 19.68 -9.06
N ALA B 63 -3.65 20.53 -8.05
CA ALA B 63 -3.12 21.89 -8.17
C ALA B 63 -1.71 21.97 -7.59
N PRO B 64 -0.87 22.86 -8.14
CA PRO B 64 0.46 23.10 -7.54
C PRO B 64 0.37 23.58 -6.10
N GLY B 65 1.45 23.35 -5.36
CA GLY B 65 1.50 23.71 -3.95
C GLY B 65 0.72 22.81 -3.01
N THR B 66 0.14 21.72 -3.49
CA THR B 66 -0.43 20.71 -2.62
C THR B 66 0.52 19.51 -2.57
N LYS B 67 0.32 18.66 -1.57
CA LYS B 67 1.03 17.39 -1.59
C LYS B 67 0.40 16.48 -2.65
N VAL B 68 1.25 15.80 -3.40
CA VAL B 68 0.81 14.89 -4.46
C VAL B 68 1.49 13.54 -4.23
N LEU B 69 0.75 12.46 -4.42
CA LEU B 69 1.35 11.14 -4.26
C LEU B 69 2.36 10.96 -5.38
N LEU B 70 3.62 10.80 -5.02
CA LEU B 70 4.70 10.78 -6.00
C LEU B 70 5.44 9.46 -5.93
N LEU B 71 5.72 8.89 -7.09
CA LEU B 71 6.32 7.57 -7.20
C LEU B 71 7.83 7.66 -7.43
N SER B 72 8.59 6.81 -6.76
CA SER B 72 10.05 6.88 -6.84
C SER B 72 10.64 5.55 -6.37
N GLU B 73 11.90 5.33 -6.71
CA GLU B 73 12.59 4.12 -6.32
C GLU B 73 13.69 4.41 -5.32
N ARG B 74 13.66 3.71 -4.19
CA ARG B 74 14.77 3.66 -3.26
C ARG B 74 14.88 2.25 -2.70
N ASP B 75 16.11 1.86 -2.35
CA ASP B 75 16.37 0.53 -1.81
C ASP B 75 15.71 -0.55 -2.66
N GLU B 76 15.82 -0.41 -3.98
CA GLU B 76 15.46 -1.47 -4.91
C GLU B 76 13.97 -1.84 -4.84
N HIS B 77 13.13 -0.92 -4.36
CA HIS B 77 11.68 -1.07 -4.39
C HIS B 77 11.07 0.26 -4.76
N LEU B 78 9.82 0.25 -5.22
CA LEU B 78 9.12 1.49 -5.53
C LEU B 78 8.33 1.96 -4.32
N HIS B 79 8.41 3.28 -4.04
CA HIS B 79 7.66 3.89 -2.95
C HIS B 79 6.74 4.98 -3.48
N LEU B 80 5.65 5.24 -2.76
CA LEU B 80 4.72 6.31 -3.09
C LEU B 80 4.62 7.20 -1.86
N ASP B 81 5.20 8.43 -1.96
CA ASP B 81 5.29 9.43 -0.90
C ASP B 81 4.42 10.64 -1.22
N PRO B 82 3.82 11.29 -0.21
CA PRO B 82 3.12 12.56 -0.46
C PRO B 82 4.14 13.69 -0.53
N VAL B 83 4.28 14.28 -1.71
CA VAL B 83 5.34 15.27 -1.93
C VAL B 83 4.73 16.58 -2.42
N PHE B 84 5.22 17.68 -1.87
CA PHE B 84 4.87 19.03 -2.29
C PHE B 84 5.14 19.22 -3.78
N TRP B 85 4.12 19.60 -4.54
CA TRP B 85 4.31 19.94 -5.95
C TRP B 85 4.78 21.39 -6.01
N GLY B 86 6.08 21.56 -6.17
CA GLY B 86 6.67 22.88 -6.10
C GLY B 86 8.10 22.79 -5.59
N TYR B 87 8.87 23.81 -5.92
CA TYR B 87 10.29 23.85 -5.61
C TYR B 87 10.71 25.31 -5.58
N ALA B 88 11.08 25.81 -4.40
CA ALA B 88 11.35 27.21 -4.21
C ALA B 88 12.82 27.41 -3.89
N PRO B 89 13.60 28.11 -4.74
CA PRO B 89 14.95 28.52 -4.35
C PRO B 89 14.92 29.48 -3.17
N GLY B 90 16.05 30.11 -2.85
CA GLY B 90 16.11 31.03 -1.72
C GLY B 90 16.24 32.50 -2.06
N PRO B 95 6.90 32.86 -5.97
CA PRO B 95 6.20 31.56 -5.94
C PRO B 95 7.10 30.40 -6.41
N PRO B 96 6.79 29.19 -5.95
CA PRO B 96 7.64 28.05 -6.29
C PRO B 96 7.54 27.66 -7.77
N LEU B 97 8.62 27.13 -8.28
CA LEU B 97 8.61 26.55 -9.61
C LEU B 97 7.83 25.24 -9.59
N ILE B 98 7.06 24.99 -10.64
CA ILE B 98 6.30 23.75 -10.73
C ILE B 98 6.74 22.87 -11.91
N ASN B 99 7.46 23.42 -12.88
CA ASN B 99 7.91 22.70 -14.06
C ASN B 99 9.42 22.88 -14.27
N ALA B 100 10.02 21.89 -14.91
CA ALA B 100 11.40 21.96 -15.37
C ALA B 100 11.42 21.59 -16.85
N ARG B 101 11.85 22.52 -17.70
CA ARG B 101 11.80 22.27 -19.13
C ARG B 101 12.85 21.25 -19.54
N VAL B 102 12.42 20.22 -20.28
CA VAL B 102 13.33 19.13 -20.65
C VAL B 102 14.52 19.65 -21.44
N GLU B 103 14.38 20.80 -22.10
CA GLU B 103 15.45 21.29 -22.96
C GLU B 103 16.63 21.84 -22.16
N THR B 104 16.40 22.22 -20.90
CA THR B 104 17.46 22.84 -20.10
C THR B 104 17.66 22.21 -18.72
N ALA B 105 16.74 21.37 -18.23
CA ALA B 105 16.82 20.92 -16.84
C ALA B 105 18.10 20.15 -16.58
N ALA B 106 18.52 19.32 -17.54
CA ALA B 106 19.70 18.46 -17.34
C ALA B 106 20.99 19.28 -17.24
N THR B 107 21.03 20.46 -17.87
CA THR B 107 22.22 21.31 -17.84
C THR B 107 22.01 22.57 -17.02
N SER B 108 20.81 22.77 -16.48
CA SER B 108 20.51 23.91 -15.63
C SER B 108 21.34 23.88 -14.35
N ARG B 109 21.99 25.01 -14.02
CA ARG B 109 22.79 25.06 -12.79
C ARG B 109 21.94 24.77 -11.56
N MET B 110 20.63 25.04 -11.62
CA MET B 110 19.77 24.74 -10.49
C MET B 110 19.24 23.30 -10.50
N PHE B 111 18.90 22.77 -11.67
CA PHE B 111 18.17 21.51 -11.75
C PHE B 111 19.03 20.31 -12.10
N LYS B 112 20.22 20.52 -12.68
CA LYS B 112 21.09 19.40 -13.00
C LYS B 112 21.25 18.42 -11.84
N PRO B 113 21.50 18.85 -10.60
CA PRO B 113 21.58 17.85 -9.51
C PRO B 113 20.28 17.07 -9.31
N LEU B 114 19.13 17.71 -9.50
CA LEU B 114 17.85 17.02 -9.38
C LEU B 114 17.67 16.02 -10.52
N TRP B 115 18.12 16.39 -11.73
CA TRP B 115 18.08 15.50 -12.88
C TRP B 115 18.90 14.23 -12.65
N GLN B 116 20.01 14.34 -11.92
CA GLN B 116 20.86 13.18 -11.60
C GLN B 116 20.31 12.36 -10.42
N HIS B 117 19.90 13.02 -9.35
CA HIS B 117 19.67 12.34 -8.08
C HIS B 117 18.22 12.30 -7.62
N GLY B 118 17.30 12.99 -8.30
CA GLY B 118 15.95 13.10 -7.78
C GLY B 118 14.82 12.75 -8.73
N ARG B 119 15.04 11.83 -9.65
CA ARG B 119 14.01 11.54 -10.63
C ARG B 119 12.88 10.72 -10.01
N ALA B 120 11.66 10.98 -10.48
CA ALA B 120 10.47 10.35 -9.94
C ALA B 120 9.42 10.34 -11.05
N ILE B 121 8.28 9.72 -10.76
CA ILE B 121 7.17 9.66 -11.68
C ILE B 121 5.92 10.12 -10.95
N CYS B 122 5.14 10.99 -11.57
CA CYS B 122 3.83 11.39 -11.09
C CYS B 122 2.80 10.78 -12.05
N PHE B 123 2.00 9.85 -11.55
CA PHE B 123 1.00 9.22 -12.41
C PHE B 123 -0.33 9.99 -12.35
N ALA B 124 -1.12 9.83 -13.40
CA ALA B 124 -2.30 10.65 -13.62
C ALA B 124 -3.20 9.98 -14.65
N ASP B 125 -4.48 10.33 -14.62
CA ASP B 125 -5.38 9.93 -15.69
C ASP B 125 -5.17 10.75 -16.94
N GLY B 126 -4.63 11.94 -16.80
CA GLY B 126 -4.64 12.94 -17.84
C GLY B 126 -4.33 14.28 -17.22
N TRP B 127 -4.11 15.27 -18.09
CA TRP B 127 -3.77 16.60 -17.63
C TRP B 127 -4.64 17.62 -18.34
N PHE B 128 -4.72 18.80 -17.74
CA PHE B 128 -5.52 19.91 -18.24
C PHE B 128 -4.61 20.96 -18.86
N GLU B 129 -5.07 21.53 -19.97
CA GLU B 129 -4.42 22.65 -20.64
C GLU B 129 -5.47 23.70 -21.00
N TRP B 130 -5.07 24.97 -20.95
CA TRP B 130 -5.98 26.07 -21.26
C TRP B 130 -5.60 26.67 -22.61
N LYS B 131 -6.51 26.63 -23.56
CA LYS B 131 -6.25 27.16 -24.90
C LYS B 131 -6.43 28.68 -24.86
N LYS B 132 -5.34 29.41 -25.05
CA LYS B 132 -5.35 30.88 -25.01
C LYS B 132 -6.28 31.47 -26.07
N LYS B 137 -10.09 31.65 -23.00
CA LYS B 137 -9.33 30.56 -22.36
C LYS B 137 -10.21 29.33 -22.14
N GLN B 138 -9.97 28.29 -22.94
CA GLN B 138 -10.79 27.09 -22.95
C GLN B 138 -10.00 25.91 -22.40
N PRO B 139 -10.41 25.30 -21.28
CA PRO B 139 -9.67 24.14 -20.77
C PRO B 139 -9.93 22.88 -21.60
N PHE B 140 -8.88 22.08 -21.76
CA PHE B 140 -8.95 20.79 -22.40
C PHE B 140 -8.40 19.74 -21.45
N PHE B 141 -8.93 18.54 -21.55
CA PHE B 141 -8.40 17.38 -20.84
C PHE B 141 -7.72 16.50 -21.86
N ILE B 142 -6.47 16.12 -21.60
CA ILE B 142 -5.66 15.34 -22.52
C ILE B 142 -5.29 14.05 -21.82
N TYR B 143 -5.48 12.91 -22.52
CA TYR B 143 -5.35 11.58 -21.92
C TYR B 143 -4.96 10.58 -23.02
N ARG B 144 -4.49 9.41 -22.60
CA ARG B 144 -4.08 8.38 -23.54
C ARG B 144 -5.28 7.77 -24.25
N ALA B 145 -5.14 7.54 -25.56
CA ALA B 145 -6.23 6.94 -26.34
C ALA B 145 -6.48 5.50 -25.96
N ASP B 146 -5.48 4.77 -25.48
CA ASP B 146 -5.76 3.40 -25.08
C ASP B 146 -6.31 3.30 -23.65
N GLY B 147 -6.55 4.43 -22.98
CA GLY B 147 -7.09 4.44 -21.63
C GLY B 147 -6.09 4.19 -20.53
N GLN B 148 -4.84 3.88 -20.85
CA GLN B 148 -3.88 3.62 -19.79
C GLN B 148 -3.48 4.94 -19.12
N PRO B 149 -3.06 4.89 -17.87
CA PRO B 149 -2.60 6.11 -17.19
C PRO B 149 -1.36 6.70 -17.86
N ILE B 150 -1.14 7.99 -17.61
CA ILE B 150 0.07 8.68 -18.09
C ILE B 150 1.09 8.70 -16.95
N PHE B 151 2.35 8.50 -17.30
CA PHE B 151 3.42 8.52 -16.31
C PHE B 151 4.28 9.74 -16.59
N MET B 152 4.05 10.80 -15.80
CA MET B 152 4.75 12.05 -16.00
C MET B 152 6.13 11.99 -15.36
N ALA B 153 7.15 12.43 -16.10
CA ALA B 153 8.49 12.52 -15.57
C ALA B 153 8.57 13.67 -14.58
N ALA B 154 9.23 13.42 -13.45
CA ALA B 154 9.37 14.43 -12.40
C ALA B 154 10.80 14.45 -11.90
N ILE B 155 11.21 15.59 -11.35
CA ILE B 155 12.46 15.69 -10.64
C ILE B 155 12.22 16.48 -9.35
N GLY B 156 12.92 16.09 -8.30
CA GLY B 156 12.72 16.74 -7.03
C GLY B 156 13.83 16.41 -6.07
N SER B 157 13.66 16.88 -4.83
CA SER B 157 14.68 16.77 -3.80
C SER B 157 14.50 15.46 -3.02
N THR B 158 15.35 14.47 -3.29
CA THR B 158 15.43 13.33 -2.40
C THR B 158 16.08 13.74 -1.08
N PRO B 159 15.79 13.02 0.04
CA PRO B 159 14.77 11.98 0.19
C PRO B 159 13.37 12.54 0.12
N PHE B 160 12.51 11.89 -0.67
CA PHE B 160 11.16 12.40 -0.88
C PHE B 160 10.28 12.20 0.34
N GLU B 161 10.58 11.20 1.19
CA GLU B 161 9.72 10.81 2.32
C GLU B 161 9.83 11.75 3.53
N ARG B 162 10.65 12.81 3.47
CA ARG B 162 10.77 13.74 4.60
C ARG B 162 9.63 14.76 4.65
N GLY B 163 8.73 14.77 3.68
CA GLY B 163 7.60 15.70 3.74
C GLY B 163 8.03 17.14 3.73
N ASP B 164 9.03 17.48 2.90
CA ASP B 164 9.53 18.85 2.85
C ASP B 164 8.44 19.81 2.37
N GLU B 165 8.49 21.05 2.85
CA GLU B 165 7.46 22.03 2.59
C GLU B 165 7.80 23.01 1.48
N ALA B 166 9.06 23.05 1.01
CA ALA B 166 9.49 24.03 0.03
C ALA B 166 10.22 23.39 -1.14
N GLU B 167 10.94 22.30 -0.89
CA GLU B 167 11.72 21.61 -1.91
C GLU B 167 11.06 20.28 -2.21
N GLY B 168 10.00 20.34 -3.00
CA GLY B 168 9.25 19.16 -3.40
C GLY B 168 9.67 18.69 -4.77
N PHE B 169 8.71 18.46 -5.68
CA PHE B 169 9.03 18.00 -7.02
C PHE B 169 8.48 18.97 -8.06
N LEU B 170 9.06 18.87 -9.27
CA LEU B 170 8.62 19.57 -10.46
C LEU B 170 8.27 18.57 -11.55
N ILE B 171 7.33 18.94 -12.41
CA ILE B 171 7.00 18.10 -13.55
C ILE B 171 7.80 18.58 -14.77
N VAL B 172 8.53 17.66 -15.39
CA VAL B 172 9.30 17.98 -16.59
C VAL B 172 8.36 18.20 -17.77
N THR B 173 8.52 19.34 -18.47
CA THR B 173 7.69 19.67 -19.61
C THR B 173 8.46 19.54 -20.92
N ALA B 174 7.73 19.47 -22.02
CA ALA B 174 8.32 19.43 -23.35
C ALA B 174 7.56 20.35 -24.28
N ALA B 175 8.11 20.53 -25.48
CA ALA B 175 7.38 21.26 -26.51
C ALA B 175 6.15 20.45 -26.90
N ALA B 176 5.02 21.13 -27.06
CA ALA B 176 3.85 20.51 -27.63
C ALA B 176 4.17 19.95 -29.01
N ASP B 177 3.57 18.80 -29.33
CA ASP B 177 3.82 18.13 -30.61
C ASP B 177 2.51 17.76 -31.29
N GLN B 178 2.56 17.72 -32.62
CA GLN B 178 1.44 17.29 -33.48
C GLN B 178 0.24 18.20 -33.19
N GLY B 179 -0.97 17.65 -33.03
CA GLY B 179 -2.13 18.50 -32.82
C GLY B 179 -2.15 19.26 -31.50
N LEU B 180 -1.30 18.88 -30.54
CA LEU B 180 -1.28 19.57 -29.26
C LEU B 180 -0.82 21.02 -29.38
N VAL B 181 -0.08 21.35 -30.45
CA VAL B 181 0.45 22.70 -30.63
C VAL B 181 -0.67 23.72 -30.77
N ASP B 182 -1.86 23.29 -31.19
CA ASP B 182 -3.02 24.17 -31.34
C ASP B 182 -3.76 24.39 -30.03
N ILE B 183 -3.35 23.75 -28.93
CA ILE B 183 -3.91 24.02 -27.61
C ILE B 183 -2.99 24.92 -26.79
N HIS B 184 -1.70 24.60 -26.74
CA HIS B 184 -0.73 25.31 -25.90
C HIS B 184 0.65 24.89 -26.38
N ASP B 185 1.65 25.73 -26.08
CA ASP B 185 2.98 25.46 -26.63
C ASP B 185 3.79 24.48 -25.78
N ARG B 186 3.34 24.13 -24.60
CA ARG B 186 4.07 23.21 -23.74
C ARG B 186 3.17 22.04 -23.38
N ARG B 187 3.80 20.97 -22.88
CA ARG B 187 3.12 19.73 -22.51
C ARG B 187 4.00 18.99 -21.52
N PRO B 188 3.44 18.14 -20.69
CA PRO B 188 4.28 17.35 -19.79
C PRO B 188 5.00 16.24 -20.56
N LEU B 189 6.22 15.95 -20.13
CA LEU B 189 6.94 14.80 -20.66
C LEU B 189 6.33 13.54 -20.06
N VAL B 190 5.54 12.83 -20.87
CA VAL B 190 4.92 11.55 -20.50
C VAL B 190 5.80 10.42 -21.02
N LEU B 191 6.03 9.40 -20.18
CA LEU B 191 6.90 8.29 -20.53
C LEU B 191 6.11 7.00 -20.60
N SER B 192 6.57 6.10 -21.48
CA SER B 192 6.01 4.76 -21.54
C SER B 192 6.27 4.05 -20.22
N PRO B 193 5.49 3.00 -19.91
CA PRO B 193 5.77 2.25 -18.66
C PRO B 193 7.19 1.73 -18.60
N GLU B 194 7.73 1.28 -19.73
CA GLU B 194 9.10 0.78 -19.80
C GLU B 194 10.09 1.88 -19.44
N ALA B 195 9.91 3.06 -20.03
CA ALA B 195 10.83 4.16 -19.80
C ALA B 195 10.62 4.79 -18.43
N ALA B 196 9.38 4.81 -17.94
CA ALA B 196 9.13 5.31 -16.58
C ALA B 196 9.91 4.49 -15.55
N ARG B 197 9.89 3.16 -15.67
CA ARG B 197 10.67 2.34 -14.76
C ARG B 197 12.15 2.62 -14.88
N GLU B 198 12.67 2.74 -16.12
CA GLU B 198 14.09 3.06 -16.29
C GLU B 198 14.43 4.40 -15.68
N TRP B 199 13.60 5.41 -15.96
CA TRP B 199 13.79 6.76 -15.46
C TRP B 199 13.94 6.80 -13.95
N MET B 200 13.29 5.87 -13.23
CA MET B 200 13.25 5.96 -11.78
C MET B 200 14.46 5.29 -11.14
N ARG B 201 15.18 4.44 -11.89
CA ARG B 201 16.29 3.64 -11.36
C ARG B 201 17.41 4.54 -10.84
N GLN B 202 17.86 4.29 -9.61
CA GLN B 202 19.00 5.05 -9.13
C GLN B 202 20.28 4.65 -9.85
N GLU B 203 20.31 3.49 -10.48
CA GLU B 203 21.49 2.96 -11.15
C GLU B 203 21.77 3.61 -12.51
N ILE B 204 20.98 4.58 -12.96
CA ILE B 204 21.20 5.19 -14.26
C ILE B 204 21.55 6.66 -14.06
N SER B 205 22.52 7.13 -14.84
CA SER B 205 23.06 8.47 -14.72
C SER B 205 22.09 9.50 -15.32
N GLY B 206 22.43 10.78 -15.09
CA GLY B 206 21.67 11.86 -15.72
C GLY B 206 21.80 11.86 -17.23
N LYS B 207 22.97 11.50 -17.75
CA LYS B 207 23.15 11.39 -19.20
C LYS B 207 22.23 10.31 -19.77
N GLU B 208 22.22 9.12 -19.15
CA GLU B 208 21.29 8.08 -19.56
C GLU B 208 19.84 8.53 -19.42
N ALA B 209 19.53 9.23 -18.32
CA ALA B 209 18.18 9.73 -18.12
C ALA B 209 17.76 10.65 -19.24
N SER B 210 18.71 11.41 -19.77
CA SER B 210 18.46 12.27 -20.93
C SER B 210 18.12 11.44 -22.16
N GLU B 211 18.77 10.28 -22.33
CA GLU B 211 18.43 9.40 -23.47
C GLU B 211 17.03 8.84 -23.29
N ILE B 212 16.70 8.41 -22.08
CA ILE B 212 15.40 7.85 -21.78
C ILE B 212 14.32 8.88 -22.07
N ALA B 213 14.53 10.12 -21.63
CA ALA B 213 13.53 11.17 -21.83
C ALA B 213 13.23 11.38 -23.31
N ALA B 214 14.27 11.32 -24.15
CA ALA B 214 14.07 11.48 -25.58
C ALA B 214 13.42 10.23 -26.21
N SER B 215 13.99 9.05 -25.94
CA SER B 215 13.48 7.82 -26.53
C SER B 215 12.11 7.43 -25.98
N GLY B 216 11.86 7.69 -24.71
CA GLY B 216 10.65 7.16 -24.11
C GLY B 216 9.45 8.06 -24.10
N CYS B 217 9.60 9.29 -24.59
CA CYS B 217 8.47 10.22 -24.60
C CYS B 217 7.30 9.64 -25.39
N VAL B 218 6.11 9.73 -24.82
CA VAL B 218 4.88 9.33 -25.49
C VAL B 218 4.45 10.44 -26.44
N PRO B 219 4.43 10.20 -27.75
CA PRO B 219 4.10 11.28 -28.69
C PRO B 219 2.59 11.55 -28.73
N ALA B 220 2.26 12.72 -29.29
CA ALA B 220 0.90 13.25 -29.21
C ALA B 220 -0.11 12.34 -29.93
N ASN B 221 0.30 11.62 -30.97
CA ASN B 221 -0.64 10.76 -31.67
C ASN B 221 -1.21 9.68 -30.79
N GLN B 222 -0.62 9.47 -29.61
CA GLN B 222 -1.09 8.49 -28.64
C GLN B 222 -2.11 9.08 -27.67
N PHE B 223 -2.42 10.36 -27.78
CA PHE B 223 -3.35 11.01 -26.87
C PHE B 223 -4.63 11.38 -27.61
N SER B 224 -5.70 11.50 -26.83
CA SER B 224 -6.94 12.13 -27.25
C SER B 224 -7.26 13.26 -26.28
N TRP B 225 -8.07 14.20 -26.72
CA TRP B 225 -8.40 15.36 -25.88
C TRP B 225 -9.74 15.92 -26.29
N HIS B 226 -10.36 16.66 -25.38
CA HIS B 226 -11.60 17.35 -25.63
C HIS B 226 -11.72 18.51 -24.66
N PRO B 227 -12.50 19.54 -24.99
CA PRO B 227 -12.75 20.60 -24.00
C PRO B 227 -13.54 20.08 -22.82
N VAL B 228 -13.30 20.70 -21.66
CA VAL B 228 -14.08 20.43 -20.45
C VAL B 228 -14.74 21.72 -19.97
N SER B 229 -15.50 21.64 -18.89
CA SER B 229 -16.08 22.84 -18.29
C SER B 229 -14.97 23.77 -17.80
N ARG B 230 -15.25 25.08 -17.83
CA ARG B 230 -14.28 26.04 -17.32
C ARG B 230 -14.18 26.01 -15.80
N ALA B 231 -15.05 25.24 -15.12
CA ALA B 231 -15.02 25.18 -13.67
C ALA B 231 -13.74 24.53 -13.14
N VAL B 232 -13.01 23.80 -13.98
CA VAL B 232 -11.72 23.25 -13.54
C VAL B 232 -10.75 24.36 -13.14
N GLY B 233 -11.02 25.61 -13.55
CA GLY B 233 -10.12 26.71 -13.23
C GLY B 233 -10.00 27.01 -11.74
N ASN B 234 -11.08 26.82 -10.98
CA ASN B 234 -11.08 27.05 -9.54
C ASN B 234 -10.74 25.74 -8.84
N VAL B 235 -9.71 25.76 -8.01
CA VAL B 235 -9.12 24.54 -7.45
C VAL B 235 -9.99 23.94 -6.36
N LYS B 236 -11.08 24.62 -6.02
CA LYS B 236 -12.00 24.12 -5.00
C LYS B 236 -13.16 23.33 -5.60
N ASN B 237 -13.26 23.24 -6.93
CA ASN B 237 -14.15 22.28 -7.57
C ASN B 237 -13.37 20.99 -7.79
N GLN B 238 -13.94 19.87 -7.35
CA GLN B 238 -13.21 18.61 -7.38
C GLN B 238 -14.00 17.44 -7.95
N GLY B 239 -15.18 17.69 -8.50
CA GLY B 239 -16.01 16.58 -8.95
C GLY B 239 -15.48 15.88 -10.19
N ALA B 240 -15.89 14.62 -10.33
CA ALA B 240 -15.51 13.78 -11.47
C ALA B 240 -15.89 14.40 -12.80
N GLU B 241 -17.00 15.14 -12.85
CA GLU B 241 -17.46 15.76 -14.08
C GLU B 241 -16.45 16.73 -14.70
N LEU B 242 -15.43 17.16 -13.96
CA LEU B 242 -14.48 18.13 -14.49
C LEU B 242 -13.68 17.58 -15.67
N ILE B 243 -13.60 16.26 -15.84
CA ILE B 243 -12.88 15.65 -16.97
C ILE B 243 -13.82 15.21 -18.09
N GLN B 244 -15.11 15.49 -17.99
CA GLN B 244 -16.06 15.07 -19.02
C GLN B 244 -16.11 16.09 -20.14
N PRO B 245 -16.29 15.62 -21.39
CA PRO B 245 -16.43 16.54 -22.52
C PRO B 245 -17.65 17.43 -22.39
N VAL B 246 -17.53 18.65 -22.90
CA VAL B 246 -18.64 19.58 -22.96
C VAL B 246 -18.98 19.83 -24.42
C1 GOL C . 13.78 -3.17 14.03
O1 GOL C . 13.64 -2.55 12.80
C2 GOL C . 15.16 -3.90 14.04
O2 GOL C . 15.13 -5.10 13.34
C3 GOL C . 15.45 -4.14 15.52
O3 GOL C . 14.60 -5.16 15.87
C1 GOL D . -7.61 14.16 -31.71
O1 GOL D . -6.46 13.49 -31.29
C2 GOL D . -8.17 14.97 -30.52
O2 GOL D . -8.99 16.02 -30.95
C3 GOL D . -8.98 13.98 -29.66
O3 GOL D . -8.75 12.72 -30.12
#